data_2CF8
#
_entry.id   2CF8
#
_cell.length_a   71.070
_cell.length_b   71.510
_cell.length_c   72.400
_cell.angle_alpha   90.00
_cell.angle_beta   100.25
_cell.angle_gamma   90.00
#
_symmetry.space_group_name_H-M   'C 1 2 1'
#
loop_
_entity.id
_entity.type
_entity.pdbx_description
1 polymer 'THROMBIN HEAVY CHAIN'
2 polymer 'HIRUDIN IIIA'
3 polymer 'THROMBIN LIGHT CHAIN'
4 non-polymer '4- [(1R,3AS,4R,8AS,8BR)- 2- (4-CHLOROBENZYL)- 1- ISOPROPYL- 3- OXODECAHYDROPYRROLO[3,4- A]PYRROLIZIN- 4- YL]BENZENECARBOXIMIDAMIDE'
5 non-polymer 'SODIUM ION'
6 non-polymer 'CALCIUM ION'
7 water water
#
loop_
_entity_poly.entity_id
_entity_poly.type
_entity_poly.pdbx_seq_one_letter_code
_entity_poly.pdbx_strand_id
1 'polypeptide(L)'
;IVEGSDAEIGMSPWQVMLFRKSPQELLCGASLISDRWVLTAAHCLLYPPWDKNFTENDLLVRIGKHSRTRYERNIEKISM
LEKIYIHPRYNWRENLDRDIALMKLKKPVAFSDYIHPVCLPDRETAASLLQAGYKGRVTGWGNLKETWTANVGKGQPSVL
QVVNLPIVERPVCKDSTRIRITDNMFCAGYKPDEGKRGDACEGDSGGPFVMKSPFNNRWYQMGIVSWGEGCDRDGKYGFY
THVFRLKKWIQKVIDQF
;
H
2 'polypeptide(L)' (SIN)FEEIPEEYLQ I
3 'polypeptide(L)' ADCGLRPLFEKKSLEDKTERELLESYID L
#
# COMPACT_ATOMS: atom_id res chain seq x y z
N ILE A 1 -10.09 5.62 1.29
CA ILE A 1 -10.38 5.21 -0.10
C ILE A 1 -11.73 5.80 -0.51
N VAL A 2 -11.72 6.57 -1.60
CA VAL A 2 -12.93 7.24 -2.12
C VAL A 2 -13.52 6.36 -3.20
N GLU A 3 -14.83 6.11 -3.16
CA GLU A 3 -15.55 5.36 -4.18
C GLU A 3 -15.09 3.91 -4.31
N GLY A 4 -14.64 3.34 -3.21
CA GLY A 4 -14.40 1.91 -3.12
C GLY A 4 -15.53 1.18 -2.42
N SER A 5 -15.18 0.01 -1.90
CA SER A 5 -16.15 -0.90 -1.28
C SER A 5 -15.51 -1.59 -0.10
N ASP A 6 -16.32 -2.18 0.77
CA ASP A 6 -15.78 -2.95 1.88
C ASP A 6 -14.99 -4.13 1.34
N ALA A 7 -13.79 -4.31 1.90
CA ALA A 7 -13.01 -5.50 1.66
C ALA A 7 -13.72 -6.72 2.24
N GLU A 8 -13.43 -7.87 1.64
CA GLU A 8 -13.79 -9.16 2.23
C GLU A 8 -12.79 -9.56 3.29
N ILE A 9 -13.19 -10.39 4.23
CA ILE A 9 -12.27 -10.90 5.25
C ILE A 9 -11.14 -11.66 4.58
N GLY A 10 -9.93 -11.37 5.01
CA GLY A 10 -8.76 -12.02 4.48
C GLY A 10 -8.39 -11.66 3.05
N MET A 11 -8.99 -10.61 2.50
CA MET A 11 -8.76 -10.25 1.08
C MET A 11 -7.42 -9.59 0.86
N SER A 12 -6.88 -8.95 1.89
CA SER A 12 -5.61 -8.21 1.83
C SER A 12 -4.78 -8.53 3.06
N PRO A 13 -4.32 -9.78 3.20
CA PRO A 13 -3.76 -10.19 4.49
C PRO A 13 -2.37 -9.62 4.76
N TRP A 14 -1.81 -8.94 3.75
CA TRP A 14 -0.58 -8.20 3.87
C TRP A 14 -0.83 -6.74 4.32
N GLN A 15 -2.07 -6.29 4.45
CA GLN A 15 -2.34 -4.91 4.80
C GLN A 15 -1.86 -4.64 6.21
N VAL A 16 -1.22 -3.50 6.41
CA VAL A 16 -0.71 -3.11 7.72
C VAL A 16 -1.25 -1.73 8.02
N MET A 17 -1.64 -1.51 9.28
CA MET A 17 -1.97 -0.18 9.78
C MET A 17 -0.81 0.39 10.56
N LEU A 18 -0.30 1.57 10.18
CA LEU A 18 0.66 2.30 11.00
C LEU A 18 -0.13 3.19 11.95
N PHE A 19 0.06 2.95 13.23
CA PHE A 19 -0.80 3.45 14.30
C PHE A 19 0.06 4.32 15.22
N ARG A 20 -0.33 5.58 15.34
CA ARG A 20 0.38 6.49 16.22
C ARG A 20 0.00 6.18 17.66
N LYS A 21 0.99 6.12 18.56
CA LYS A 21 0.72 5.77 19.97
C LYS A 21 0.02 6.88 20.76
N SER A 22 0.50 8.12 20.60
CA SER A 22 0.02 9.26 21.39
C SER A 22 0.05 10.50 20.51
N PRO A 23 -1.12 11.06 20.14
CA PRO A 23 -2.48 10.53 20.35
C PRO A 23 -2.72 9.30 19.50
N GLN A 24 -3.72 8.52 19.86
CA GLN A 24 -4.08 7.31 19.12
C GLN A 24 -4.77 7.65 17.81
N GLU A 25 -4.11 7.39 16.69
CA GLU A 25 -4.71 7.67 15.39
C GLU A 25 -4.04 6.88 14.28
N LEU A 26 -4.76 6.80 13.17
CA LEU A 26 -4.27 6.18 11.93
C LEU A 26 -3.29 7.11 11.28
N LEU A 27 -2.06 6.66 11.09
CA LEU A 27 -1.08 7.49 10.40
C LEU A 27 -1.03 7.20 8.91
N CYS A 28 -1.00 5.92 8.56
CA CYS A 28 -0.73 5.51 7.19
C CYS A 28 -1.01 4.06 7.05
N GLY A 29 -1.05 3.61 5.81
CA GLY A 29 -0.98 2.22 5.47
C GLY A 29 0.45 1.75 5.29
N ALA A 30 0.58 0.47 5.07
CA ALA A 30 1.84 -0.21 4.92
C ALA A 30 1.52 -1.64 4.50
N SER A 31 2.55 -2.42 4.23
N SER A 31 2.57 -2.42 4.26
CA SER A 31 2.35 -3.80 3.83
CA SER A 31 2.42 -3.78 3.71
C SER A 31 3.38 -4.72 4.48
C SER A 31 3.44 -4.75 4.33
N LEU A 32 2.99 -5.98 4.60
CA LEU A 32 3.84 -7.06 5.14
C LEU A 32 4.55 -7.76 4.01
N ILE A 33 5.88 -7.71 4.03
CA ILE A 33 6.68 -8.38 2.98
C ILE A 33 7.46 -9.59 3.46
N SER A 34 7.50 -9.80 4.76
CA SER A 34 8.05 -11.02 5.36
C SER A 34 7.59 -11.03 6.80
N ASP A 35 8.06 -12.00 7.58
CA ASP A 35 7.72 -12.05 9.01
C ASP A 35 8.27 -10.91 9.85
N ARG A 36 9.23 -10.19 9.28
N ARG A 36 9.30 -10.20 9.37
CA ARG A 36 10.06 -9.26 10.00
CA ARG A 36 9.89 -9.13 10.16
C ARG A 36 10.06 -7.85 9.39
C ARG A 36 10.04 -7.80 9.40
N TRP A 37 9.57 -7.71 8.16
CA TRP A 37 9.72 -6.46 7.38
C TRP A 37 8.39 -5.93 6.84
N VAL A 38 8.23 -4.61 7.02
CA VAL A 38 7.06 -3.88 6.59
C VAL A 38 7.50 -2.75 5.64
N LEU A 39 6.78 -2.60 4.54
CA LEU A 39 7.04 -1.57 3.52
C LEU A 39 6.03 -0.46 3.60
N THR A 40 6.49 0.79 3.48
CA THR A 40 5.59 1.94 3.48
C THR A 40 6.20 3.08 2.68
N ALA A 41 5.54 4.23 2.68
CA ALA A 41 6.07 5.45 2.06
C ALA A 41 6.97 6.20 3.04
N ALA A 42 8.07 6.74 2.54
CA ALA A 42 8.91 7.59 3.37
C ALA A 42 8.14 8.74 3.98
N HIS A 43 7.18 9.30 3.22
CA HIS A 43 6.45 10.49 3.73
C HIS A 43 5.58 10.17 4.92
N CYS A 44 5.31 8.89 5.19
CA CYS A 44 4.57 8.51 6.40
C CYS A 44 5.41 8.74 7.64
N LEU A 45 6.74 8.74 7.48
CA LEU A 45 7.67 8.83 8.60
C LEU A 45 8.46 10.12 8.65
N LEU A 46 8.70 10.74 7.49
CA LEU A 46 9.56 11.91 7.42
C LEU A 46 9.06 12.89 6.38
N TYR A 47 8.65 14.07 6.81
CA TYR A 47 8.24 15.12 5.89
C TYR A 47 8.51 16.45 6.62
N PRO A 48 9.75 16.95 6.54
CA PRO A 48 10.14 18.17 7.24
C PRO A 48 9.28 19.41 7.01
N PRO A 49 8.72 19.62 5.80
CA PRO A 49 7.87 20.80 5.65
C PRO A 49 6.68 20.89 6.62
N TRP A 50 6.19 19.75 7.09
CA TRP A 50 5.08 19.67 8.07
C TRP A 50 5.58 19.23 9.45
N ASP A 51 6.88 19.26 9.67
CA ASP A 51 7.53 18.86 10.93
C ASP A 51 7.19 17.46 11.37
N LYS A 52 7.20 16.60 10.38
CA LYS A 52 6.91 15.18 10.58
C LYS A 52 8.21 14.43 10.59
N ASN A 53 8.49 13.76 11.70
CA ASN A 53 9.73 13.04 11.86
C ASN A 53 9.57 11.98 12.94
N PHE A 54 8.89 10.89 12.60
CA PHE A 54 8.62 9.87 13.59
C PHE A 54 9.88 9.06 13.95
N THR A 55 9.93 8.61 15.20
CA THR A 55 10.98 7.70 15.65
C THR A 55 10.31 6.32 15.79
N GLU A 56 11.11 5.30 16.04
CA GLU A 56 10.57 3.93 16.17
C GLU A 56 9.57 3.84 17.32
N ASN A 57 9.87 4.50 18.44
CA ASN A 57 9.02 4.43 19.65
C ASN A 57 7.69 5.18 19.54
N ASP A 58 7.54 5.98 18.49
CA ASP A 58 6.30 6.76 18.27
C ASP A 58 5.13 5.99 17.72
N LEU A 59 5.38 4.83 17.11
N LEU A 59 5.41 4.82 17.14
CA LEU A 59 4.30 4.15 16.39
CA LEU A 59 4.43 4.08 16.33
C LEU A 59 4.32 2.64 16.60
C LEU A 59 4.28 2.62 16.72
N LEU A 60 3.19 2.04 16.28
CA LEU A 60 3.01 0.59 16.31
C LEU A 60 2.54 0.17 14.93
N VAL A 61 2.74 -1.10 14.62
CA VAL A 61 2.24 -1.76 13.41
C VAL A 61 1.11 -2.69 13.85
N ARG A 62 -0.05 -2.58 13.22
CA ARG A 62 -1.20 -3.47 13.51
C ARG A 62 -1.51 -4.28 12.24
N ILE A 63 -1.43 -5.60 12.36
CA ILE A 63 -1.46 -6.51 11.24
C ILE A 63 -2.63 -7.47 11.42
N GLY A 64 -3.27 -7.84 10.33
CA GLY A 64 -4.44 -8.73 10.34
C GLY A 64 -5.78 -8.05 10.58
N LYS A 65 -5.84 -6.73 10.41
CA LYS A 65 -7.05 -5.98 10.74
C LYS A 65 -8.08 -5.96 9.63
N HIS A 66 -9.30 -5.67 10.05
CA HIS A 66 -10.42 -5.48 9.13
C HIS A 66 -11.19 -4.23 9.57
N SER A 67 -11.69 -4.27 10.79
CA SER A 67 -12.24 -3.08 11.40
C SER A 67 -11.18 -1.98 11.56
N ARG A 68 -11.54 -0.72 11.27
CA ARG A 68 -10.64 0.40 11.48
C ARG A 68 -10.33 0.60 12.96
N THR A 69 -11.38 0.72 13.77
CA THR A 69 -11.21 1.27 15.14
C THR A 69 -11.16 0.21 16.25
N ARG A 70 -11.72 -0.95 15.99
CA ARG A 70 -11.84 -1.96 17.04
C ARG A 70 -10.52 -2.66 17.30
N TYR A 71 -10.30 -3.07 18.55
CA TYR A 71 -9.20 -3.95 18.87
C TYR A 71 -9.70 -5.36 18.56
N GLU A 72 -9.16 -5.95 17.50
CA GLU A 72 -9.71 -7.21 16.96
C GLU A 72 -9.07 -8.39 17.66
N ARG A 73 -9.56 -8.59 18.87
CA ARG A 73 -9.14 -9.65 19.84
C ARG A 73 -9.12 -11.08 19.24
N ASN A 74 -7.99 -11.77 19.46
CA ASN A 74 -7.66 -13.07 18.80
C ASN A 74 -7.40 -13.04 17.24
N ILE A 75 -7.29 -11.87 16.61
CA ILE A 75 -7.14 -11.77 15.15
C ILE A 75 -5.96 -10.89 14.78
N GLU A 76 -6.01 -9.61 15.13
CA GLU A 76 -4.92 -8.72 14.80
C GLU A 76 -3.73 -8.96 15.71
N LYS A 77 -2.56 -8.59 15.21
CA LYS A 77 -1.31 -8.65 15.94
C LYS A 77 -0.70 -7.28 15.95
N ILE A 78 -0.20 -6.88 17.11
CA ILE A 78 0.43 -5.58 17.24
C ILE A 78 1.91 -5.80 17.37
N SER A 79 2.70 -5.10 16.57
CA SER A 79 4.14 -5.22 16.56
C SER A 79 4.81 -3.86 16.82
N MET A 80 5.94 -3.90 17.50
CA MET A 80 6.80 -2.75 17.75
C MET A 80 7.91 -2.69 16.71
N LEU A 81 8.42 -1.48 16.48
N LEU A 81 8.42 -1.49 16.46
CA LEU A 81 9.48 -1.24 15.51
CA LEU A 81 9.46 -1.29 15.46
C LEU A 81 10.87 -1.35 16.15
C LEU A 81 10.87 -1.30 16.09
N GLU A 82 11.73 -2.13 15.51
CA GLU A 82 13.14 -2.16 15.89
C GLU A 82 13.86 -1.00 15.23
N LYS A 83 13.67 -0.84 13.91
CA LYS A 83 14.39 0.18 13.17
C LYS A 83 13.62 0.58 11.91
N ILE A 84 13.73 1.86 11.61
CA ILE A 84 13.18 2.46 10.38
C ILE A 84 14.34 2.75 9.43
N TYR A 85 14.12 2.47 8.13
CA TYR A 85 15.12 2.73 7.08
C TYR A 85 14.43 3.52 5.98
N ILE A 86 14.77 4.77 5.81
CA ILE A 86 14.21 5.63 4.76
C ILE A 86 15.17 5.68 3.58
N HIS A 87 14.65 5.68 2.35
CA HIS A 87 15.57 5.75 1.23
C HIS A 87 16.46 7.00 1.38
N PRO A 88 17.80 6.84 1.24
CA PRO A 88 18.65 8.02 1.42
C PRO A 88 18.50 9.14 0.39
N ARG A 89 17.91 8.84 -0.76
CA ARG A 89 17.68 9.83 -1.83
C ARG A 89 16.19 10.16 -1.98
N TYR A 90 15.41 9.88 -0.95
CA TYR A 90 14.01 10.34 -0.90
C TYR A 90 13.99 11.86 -1.02
N ASN A 91 13.31 12.34 -2.04
CA ASN A 91 13.33 13.77 -2.40
C ASN A 91 12.12 14.51 -1.88
N TRP A 92 12.09 14.74 -0.57
CA TRP A 92 10.96 15.42 0.07
C TRP A 92 10.94 16.89 -0.23
N ARG A 93 12.03 17.43 -0.77
CA ARG A 93 12.10 18.87 -1.03
C ARG A 93 11.29 19.27 -2.24
N GLU A 94 11.21 18.37 -3.24
CA GLU A 94 10.69 18.70 -4.57
C GLU A 94 9.42 17.93 -4.92
N ASN A 95 9.59 16.64 -5.23
CA ASN A 95 8.53 15.86 -5.89
C ASN A 95 8.31 14.48 -5.29
N LEU A 96 8.85 14.22 -4.10
CA LEU A 96 8.67 12.93 -3.42
C LEU A 96 9.27 11.77 -4.20
N ASP A 97 10.28 12.03 -5.02
CA ASP A 97 10.96 10.94 -5.72
C ASP A 97 11.52 9.96 -4.68
N ARG A 98 11.41 8.67 -4.99
CA ARG A 98 11.92 7.59 -4.11
C ARG A 98 11.25 7.60 -2.70
N ASP A 99 9.93 7.69 -2.75
CA ASP A 99 9.07 7.74 -1.57
C ASP A 99 8.85 6.34 -1.01
N ILE A 100 9.87 5.86 -0.29
CA ILE A 100 9.86 4.46 0.19
C ILE A 100 10.64 4.36 1.48
N ALA A 101 10.15 3.48 2.37
CA ALA A 101 10.78 3.21 3.63
C ALA A 101 10.47 1.78 4.02
N LEU A 102 11.39 1.22 4.79
CA LEU A 102 11.24 -0.10 5.40
C LEU A 102 11.25 0.02 6.90
N MET A 103 10.47 -0.82 7.57
N MET A 103 10.57 -0.94 7.52
CA MET A 103 10.50 -0.93 9.04
CA MET A 103 10.44 -1.03 8.95
C MET A 103 10.70 -2.39 9.43
C MET A 103 10.76 -2.46 9.34
N LYS A 104 11.73 -2.64 10.23
CA LYS A 104 12.00 -3.96 10.79
C LYS A 104 11.29 -4.08 12.11
N LEU A 105 10.57 -5.19 12.30
CA LEU A 105 9.79 -5.43 13.51
C LEU A 105 10.71 -5.99 14.61
N LYS A 106 10.36 -5.73 15.86
CA LYS A 106 11.17 -6.21 16.99
C LYS A 106 11.18 -7.73 17.06
N LYS A 107 10.04 -8.35 16.74
CA LYS A 107 9.91 -9.80 16.71
C LYS A 107 9.17 -10.23 15.47
N PRO A 108 9.45 -11.45 14.98
CA PRO A 108 8.71 -11.90 13.81
C PRO A 108 7.23 -12.13 14.12
N VAL A 109 6.35 -11.83 13.17
CA VAL A 109 4.90 -12.00 13.34
C VAL A 109 4.52 -13.38 12.79
N ALA A 110 3.62 -14.08 13.49
CA ALA A 110 3.16 -15.36 13.02
C ALA A 110 2.09 -15.16 11.94
N PHE A 111 2.18 -15.92 10.86
CA PHE A 111 1.17 -15.87 9.79
C PHE A 111 -0.10 -16.61 10.21
N SER A 112 -1.22 -16.27 9.59
CA SER A 112 -2.52 -16.82 9.94
C SER A 112 -3.42 -16.65 8.73
N ASP A 113 -4.69 -16.98 8.86
CA ASP A 113 -5.65 -16.71 7.79
C ASP A 113 -5.72 -15.24 7.45
N TYR A 114 -5.36 -14.37 8.41
CA TYR A 114 -5.54 -12.92 8.28
C TYR A 114 -4.25 -12.17 8.03
N ILE A 115 -3.10 -12.84 8.13
CA ILE A 115 -1.80 -12.24 8.14
C ILE A 115 -0.91 -13.07 7.23
N HIS A 116 -0.47 -12.47 6.11
CA HIS A 116 0.32 -13.21 5.15
C HIS A 116 1.03 -12.20 4.26
N PRO A 117 2.29 -12.45 3.87
CA PRO A 117 3.05 -11.45 3.08
C PRO A 117 2.70 -11.42 1.60
N VAL A 118 2.83 -10.23 1.01
CA VAL A 118 2.69 -10.00 -0.43
C VAL A 118 4.03 -10.25 -1.11
N CYS A 119 4.04 -10.61 -2.39
CA CYS A 119 5.28 -10.72 -3.15
C CYS A 119 5.78 -9.37 -3.62
N LEU A 120 7.08 -9.26 -3.78
CA LEU A 120 7.66 -8.12 -4.48
C LEU A 120 8.01 -8.53 -5.91
N PRO A 121 7.80 -7.64 -6.89
CA PRO A 121 8.05 -7.98 -8.29
C PRO A 121 9.54 -8.08 -8.62
N ASP A 122 9.84 -8.92 -9.58
CA ASP A 122 11.14 -8.90 -10.24
C ASP A 122 10.98 -8.20 -11.59
N ARG A 123 12.07 -8.11 -12.35
CA ARG A 123 12.07 -7.30 -13.56
C ARG A 123 10.99 -7.78 -14.53
N GLU A 124 10.85 -9.10 -14.63
CA GLU A 124 9.91 -9.72 -15.53
C GLU A 124 8.48 -9.42 -15.11
N THR A 125 8.22 -9.46 -13.80
CA THR A 125 6.91 -9.11 -13.26
C THR A 125 6.55 -7.72 -13.67
N ALA A 126 7.46 -6.79 -13.44
CA ALA A 126 7.18 -5.40 -13.74
C ALA A 126 6.92 -5.14 -15.22
N ALA A 127 7.73 -5.75 -16.06
CA ALA A 127 7.58 -5.56 -17.51
C ALA A 127 6.22 -6.09 -17.96
N SER A 128 5.80 -7.22 -17.42
CA SER A 128 4.55 -7.85 -17.82
C SER A 128 3.29 -7.09 -17.38
N LEU A 129 3.30 -6.60 -16.15
CA LEU A 129 2.11 -6.10 -15.51
C LEU A 129 1.96 -4.56 -15.53
N LEU A 130 3.07 -3.82 -15.52
N LEU A 130 3.07 -3.82 -15.64
CA LEU A 130 2.96 -2.36 -15.40
CA LEU A 130 3.02 -2.34 -15.52
C LEU A 130 2.75 -1.82 -16.83
C LEU A 130 2.71 -1.66 -16.82
N GLN A 131 1.51 -1.91 -17.30
CA GLN A 131 1.11 -1.49 -18.64
C GLN A 131 -0.17 -0.65 -18.53
N ALA A 132 -0.23 0.42 -19.31
CA ALA A 132 -1.39 1.28 -19.31
C ALA A 132 -2.64 0.47 -19.53
N GLY A 133 -3.66 0.74 -18.72
CA GLY A 133 -4.94 0.06 -18.77
C GLY A 133 -5.05 -1.17 -17.88
N TYR A 134 -3.92 -1.79 -17.55
CA TYR A 134 -3.93 -2.89 -16.62
C TYR A 134 -4.33 -2.36 -15.26
N LYS A 135 -5.16 -3.10 -14.52
CA LYS A 135 -5.64 -2.65 -13.24
C LYS A 135 -4.90 -3.24 -12.07
N GLY A 136 -4.71 -2.45 -11.05
CA GLY A 136 -4.27 -2.89 -9.76
C GLY A 136 -5.29 -2.50 -8.70
N ARG A 137 -4.96 -2.82 -7.47
CA ARG A 137 -5.85 -2.70 -6.35
C ARG A 137 -5.19 -1.95 -5.21
N VAL A 138 -5.92 -0.99 -4.65
CA VAL A 138 -5.45 -0.20 -3.52
C VAL A 138 -6.44 -0.43 -2.37
N THR A 139 -5.90 -0.53 -1.17
CA THR A 139 -6.70 -0.82 0.03
C THR A 139 -6.27 0.11 1.14
N GLY A 140 -7.21 0.43 2.05
CA GLY A 140 -6.86 1.26 3.17
C GLY A 140 -8.04 1.64 4.03
N TRP A 141 -7.70 2.26 5.16
CA TRP A 141 -8.67 2.75 6.16
C TRP A 141 -8.78 4.26 6.15
N GLY A 142 -8.31 4.88 5.06
CA GLY A 142 -8.36 6.32 4.92
C GLY A 142 -9.73 6.89 4.66
N ASN A 143 -9.76 8.22 4.54
CA ASN A 143 -11.01 8.95 4.37
C ASN A 143 -11.79 8.46 3.18
N LEU A 144 -13.11 8.49 3.32
CA LEU A 144 -14.03 8.15 2.24
C LEU A 144 -14.29 9.29 1.23
N LYS A 145 -13.98 10.53 1.62
CA LYS A 145 -14.19 11.71 0.76
C LYS A 145 -13.02 12.65 0.99
N GLU A 146 -12.70 13.49 0.00
CA GLU A 146 -11.63 14.49 0.18
C GLU A 146 -11.96 15.43 1.34
N THR A 147 -13.22 15.84 1.42
CA THR A 147 -13.67 16.70 2.50
C THR A 147 -14.86 16.07 3.19
N GLY A 155 -17.56 9.91 6.52
CA GLY A 155 -16.16 10.38 6.56
C GLY A 155 -15.09 9.30 6.64
N GLN A 156 -15.09 8.52 7.73
CA GLN A 156 -14.13 7.44 7.92
C GLN A 156 -14.84 6.08 7.93
N PRO A 157 -14.20 5.05 7.36
CA PRO A 157 -14.82 3.74 7.20
C PRO A 157 -14.86 2.91 8.48
N SER A 158 -15.86 2.04 8.58
CA SER A 158 -15.93 1.05 9.63
C SER A 158 -14.90 -0.03 9.38
N VAL A 159 -14.75 -0.47 8.13
CA VAL A 159 -13.81 -1.55 7.80
C VAL A 159 -12.96 -1.20 6.59
N LEU A 160 -11.90 -1.98 6.41
CA LEU A 160 -10.96 -1.81 5.29
C LEU A 160 -11.70 -1.64 3.97
N GLN A 161 -11.27 -0.68 3.16
CA GLN A 161 -11.86 -0.41 1.84
C GLN A 161 -10.93 -0.86 0.73
N VAL A 162 -11.52 -1.19 -0.41
CA VAL A 162 -10.78 -1.66 -1.59
C VAL A 162 -11.30 -0.94 -2.82
N VAL A 163 -10.39 -0.65 -3.74
CA VAL A 163 -10.78 -0.18 -5.07
C VAL A 163 -9.75 -0.63 -6.08
N ASN A 164 -10.23 -1.00 -7.26
CA ASN A 164 -9.38 -1.38 -8.38
C ASN A 164 -9.29 -0.21 -9.37
N LEU A 165 -8.09 0.09 -9.83
CA LEU A 165 -7.83 1.28 -10.67
C LEU A 165 -6.86 0.96 -11.79
N PRO A 166 -7.05 1.51 -12.99
CA PRO A 166 -6.15 1.25 -14.13
C PRO A 166 -4.88 2.11 -14.08
N ILE A 167 -3.75 1.53 -14.47
CA ILE A 167 -2.51 2.29 -14.68
C ILE A 167 -2.75 3.20 -15.88
N VAL A 168 -2.24 4.42 -15.78
CA VAL A 168 -2.45 5.46 -16.77
C VAL A 168 -1.19 5.68 -17.60
N GLU A 169 -1.38 6.02 -18.87
CA GLU A 169 -0.29 6.32 -19.78
C GLU A 169 0.58 7.43 -19.19
N ARG A 170 1.90 7.32 -19.30
CA ARG A 170 2.79 8.29 -18.69
C ARG A 170 2.61 9.74 -19.16
N PRO A 171 2.41 9.98 -20.47
CA PRO A 171 2.11 11.35 -20.87
C PRO A 171 0.86 11.94 -20.21
N VAL A 172 -0.20 11.15 -20.03
CA VAL A 172 -1.41 11.61 -19.38
C VAL A 172 -1.10 11.95 -17.91
N CYS A 173 -0.37 11.09 -17.23
CA CYS A 173 0.08 11.39 -15.89
C CYS A 173 0.86 12.70 -15.82
N LYS A 174 1.79 12.89 -16.75
CA LYS A 174 2.67 14.06 -16.72
C LYS A 174 1.82 15.34 -16.97
N ASP A 175 0.86 15.26 -17.90
CA ASP A 175 0.04 16.38 -18.30
C ASP A 175 -1.03 16.74 -17.27
N SER A 176 -1.20 15.96 -16.21
CA SER A 176 -2.26 16.21 -15.23
C SER A 176 -1.81 17.08 -14.07
N THR A 177 -0.51 17.36 -14.00
CA THR A 177 0.10 17.96 -12.79
C THR A 177 1.25 18.87 -13.17
N ARG A 178 1.56 19.84 -12.30
CA ARG A 178 2.76 20.67 -12.46
C ARG A 178 3.99 20.05 -11.81
N ILE A 179 3.80 19.03 -11.01
CA ILE A 179 4.91 18.37 -10.32
C ILE A 179 5.75 17.54 -11.30
N ARG A 180 7.07 17.52 -11.12
CA ARG A 180 7.96 16.79 -12.03
C ARG A 180 7.87 15.32 -11.69
N ILE A 181 7.45 14.51 -12.67
CA ILE A 181 7.29 13.06 -12.50
C ILE A 181 8.58 12.37 -12.90
N THR A 182 8.99 11.36 -12.13
CA THR A 182 10.16 10.57 -12.44
C THR A 182 9.83 9.12 -12.80
N ASP A 183 10.84 8.38 -13.25
CA ASP A 183 10.70 6.99 -13.60
C ASP A 183 10.42 6.14 -12.36
N ASN A 184 10.62 6.69 -11.17
CA ASN A 184 10.33 5.98 -9.92
C ASN A 184 8.91 6.12 -9.44
N MET A 185 8.04 6.65 -10.31
CA MET A 185 6.60 6.84 -10.04
C MET A 185 5.79 6.33 -11.20
N PHE A 186 4.55 5.92 -10.91
CA PHE A 186 3.52 5.76 -11.93
C PHE A 186 2.23 6.33 -11.40
N CYS A 187 1.25 6.54 -12.27
CA CYS A 187 -0.05 7.02 -11.82
C CYS A 187 -1.16 6.05 -12.26
N ALA A 188 -2.25 6.08 -11.50
CA ALA A 188 -3.38 5.21 -11.74
C ALA A 188 -4.66 5.93 -11.39
N GLY A 189 -5.74 5.51 -12.01
CA GLY A 189 -7.07 6.10 -11.82
C GLY A 189 -7.80 6.18 -13.13
N TYR A 190 -9.11 6.44 -13.03
CA TYR A 190 -9.96 6.57 -14.21
C TYR A 190 -9.91 7.98 -14.75
N LYS A 191 -10.08 8.09 -16.06
CA LYS A 191 -10.15 9.38 -16.74
C LYS A 191 -11.58 9.90 -16.64
N PRO A 192 -11.77 11.22 -16.78
CA PRO A 192 -13.09 11.82 -16.81
C PRO A 192 -14.07 11.10 -17.73
N ASP A 193 -13.62 10.75 -18.93
CA ASP A 193 -14.51 10.16 -19.95
C ASP A 193 -14.90 8.71 -19.62
N GLU A 194 -14.17 8.06 -18.71
CA GLU A 194 -14.37 6.63 -18.41
C GLU A 194 -15.55 6.32 -17.46
N GLY A 195 -16.08 7.32 -16.76
CA GLY A 195 -17.29 7.07 -15.95
C GLY A 195 -17.13 6.37 -14.59
N LYS A 196 -16.12 5.50 -14.45
CA LYS A 196 -15.82 4.91 -13.14
C LYS A 196 -14.95 5.86 -12.33
N ARG A 197 -14.92 5.65 -11.01
CA ARG A 197 -14.20 6.55 -10.09
C ARG A 197 -13.43 5.74 -9.08
N GLY A 198 -12.69 6.44 -8.20
CA GLY A 198 -11.97 5.77 -7.13
C GLY A 198 -10.60 6.37 -6.96
N ASP A 199 -10.12 6.44 -5.72
CA ASP A 199 -8.79 6.95 -5.44
C ASP A 199 -8.46 6.61 -4.00
N ALA A 200 -7.18 6.63 -3.69
CA ALA A 200 -6.72 6.69 -2.30
C ALA A 200 -6.93 8.08 -1.76
N CYS A 201 -6.83 8.23 -0.42
CA CYS A 201 -7.01 9.50 0.25
C CYS A 201 -6.24 9.52 1.58
N GLU A 202 -6.39 10.60 2.33
CA GLU A 202 -5.73 10.73 3.63
C GLU A 202 -5.97 9.49 4.50
N GLY A 203 -4.90 8.91 5.03
CA GLY A 203 -4.97 7.68 5.82
C GLY A 203 -4.58 6.46 5.05
N ASP A 204 -4.61 6.52 3.71
CA ASP A 204 -4.28 5.37 2.86
C ASP A 204 -2.85 5.37 2.42
N SER A 205 -2.19 6.51 2.53
CA SER A 205 -0.86 6.60 1.94
C SER A 205 0.12 5.71 2.66
N GLY A 206 1.10 5.23 1.92
CA GLY A 206 2.00 4.20 2.40
C GLY A 206 1.49 2.80 2.13
N GLY A 207 0.20 2.63 1.81
CA GLY A 207 -0.36 1.35 1.56
C GLY A 207 -0.05 0.81 0.19
N PRO A 208 -0.41 -0.44 -0.06
CA PRO A 208 -0.05 -1.12 -1.28
C PRO A 208 -0.98 -0.92 -2.47
N PHE A 209 -0.36 -0.87 -3.65
CA PHE A 209 -1.01 -1.04 -4.94
C PHE A 209 -0.57 -2.41 -5.45
N VAL A 210 -1.49 -3.39 -5.50
CA VAL A 210 -1.14 -4.76 -5.83
C VAL A 210 -1.80 -5.21 -7.15
N MET A 211 -1.19 -6.19 -7.79
CA MET A 211 -1.71 -6.79 -9.02
C MET A 211 -1.58 -8.30 -8.89
N LYS A 212 -2.53 -9.06 -9.43
CA LYS A 212 -2.48 -10.53 -9.38
C LYS A 212 -1.94 -11.04 -10.68
N SER A 213 -0.75 -11.64 -10.65
CA SER A 213 -0.18 -12.15 -11.87
C SER A 213 -1.06 -13.23 -12.50
N PRO A 214 -1.37 -13.08 -13.78
CA PRO A 214 -2.15 -14.11 -14.46
C PRO A 214 -1.31 -15.31 -14.86
N PHE A 215 0.02 -15.22 -14.64
CA PHE A 215 0.93 -16.30 -14.94
C PHE A 215 1.06 -17.31 -13.81
N ASN A 216 1.15 -16.83 -12.56
CA ASN A 216 1.38 -17.71 -11.43
C ASN A 216 0.40 -17.53 -10.29
N ASN A 217 -0.61 -16.69 -10.52
CA ASN A 217 -1.73 -16.48 -9.61
C ASN A 217 -1.33 -15.95 -8.24
N ARG A 218 -0.21 -15.23 -8.15
CA ARG A 218 0.22 -14.60 -6.93
C ARG A 218 0.01 -13.10 -7.00
N TRP A 219 -0.25 -12.50 -5.84
CA TRP A 219 -0.29 -11.06 -5.72
C TRP A 219 1.08 -10.43 -5.48
N TYR A 220 1.35 -9.39 -6.27
CA TYR A 220 2.60 -8.61 -6.23
C TYR A 220 2.31 -7.16 -5.89
N GLN A 221 3.12 -6.56 -5.02
CA GLN A 221 3.02 -5.15 -4.71
C GLN A 221 3.85 -4.36 -5.73
N MET A 222 3.16 -3.73 -6.65
CA MET A 222 3.80 -2.96 -7.71
C MET A 222 4.02 -1.52 -7.29
N GLY A 223 3.17 -1.00 -6.39
CA GLY A 223 3.27 0.41 -5.98
C GLY A 223 3.05 0.63 -4.53
N ILE A 224 3.40 1.84 -4.09
CA ILE A 224 3.06 2.34 -2.76
C ILE A 224 2.28 3.63 -2.97
N VAL A 225 1.18 3.83 -2.26
CA VAL A 225 0.45 5.10 -2.35
C VAL A 225 1.35 6.23 -1.88
N SER A 226 1.64 7.14 -2.80
CA SER A 226 2.63 8.17 -2.54
C SER A 226 2.03 9.56 -2.44
N TRP A 227 1.37 10.05 -3.49
CA TRP A 227 0.91 11.42 -3.44
C TRP A 227 -0.19 11.67 -4.43
N GLY A 228 -0.87 12.78 -4.22
CA GLY A 228 -1.86 13.24 -5.14
C GLY A 228 -2.27 14.65 -4.82
N GLU A 229 -3.23 15.13 -5.61
CA GLU A 229 -3.75 16.47 -5.42
C GLU A 229 -5.22 16.31 -5.18
N GLY A 230 -5.60 16.43 -3.91
CA GLY A 230 -6.96 16.17 -3.51
C GLY A 230 -7.16 14.67 -3.58
N CYS A 231 -8.41 14.25 -3.64
CA CYS A 231 -8.73 12.83 -3.78
C CYS A 231 -9.93 12.65 -4.71
N ASP A 232 -9.79 11.74 -5.66
CA ASP A 232 -10.86 11.42 -6.65
C ASP A 232 -11.34 12.61 -7.45
N ARG A 233 -10.42 13.51 -7.77
CA ARG A 233 -10.79 14.68 -8.58
C ARG A 233 -10.76 14.30 -10.05
N ASP A 234 -11.72 14.82 -10.80
CA ASP A 234 -11.72 14.60 -12.25
C ASP A 234 -10.44 15.18 -12.81
N GLY A 235 -9.78 14.41 -13.67
CA GLY A 235 -8.56 14.85 -14.35
C GLY A 235 -7.27 14.78 -13.52
N LYS A 236 -7.36 14.29 -12.29
CA LYS A 236 -6.20 14.04 -11.45
C LYS A 236 -6.12 12.55 -11.24
N TYR A 237 -4.90 12.11 -10.93
CA TYR A 237 -4.56 10.71 -10.75
C TYR A 237 -3.71 10.54 -9.49
N GLY A 238 -3.86 9.40 -8.85
CA GLY A 238 -2.98 9.08 -7.75
C GLY A 238 -1.62 8.69 -8.28
N PHE A 239 -0.57 9.07 -7.56
CA PHE A 239 0.80 8.71 -7.88
C PHE A 239 1.31 7.69 -6.87
N TYR A 240 2.09 6.74 -7.38
CA TYR A 240 2.53 5.58 -6.66
C TYR A 240 4.05 5.43 -6.82
N THR A 241 4.72 5.05 -5.77
CA THR A 241 6.14 4.69 -5.86
C THR A 241 6.29 3.40 -6.59
N HIS A 242 7.20 3.38 -7.57
CA HIS A 242 7.43 2.19 -8.43
C HIS A 242 8.34 1.22 -7.70
N VAL A 243 7.76 0.20 -7.09
CA VAL A 243 8.48 -0.73 -6.21
C VAL A 243 9.59 -1.43 -6.94
N PHE A 244 9.33 -1.98 -8.14
CA PHE A 244 10.42 -2.65 -8.82
C PHE A 244 11.64 -1.76 -9.03
N ARG A 245 11.43 -0.52 -9.40
CA ARG A 245 12.55 0.39 -9.66
C ARG A 245 13.40 0.63 -8.42
N LEU A 246 12.83 0.40 -7.22
CA LEU A 246 13.56 0.64 -5.99
C LEU A 246 13.95 -0.68 -5.30
N LYS A 247 13.83 -1.78 -6.03
CA LYS A 247 14.10 -3.09 -5.42
C LYS A 247 15.55 -3.32 -5.03
N LYS A 248 16.50 -2.72 -5.75
CA LYS A 248 17.91 -2.88 -5.40
C LYS A 248 18.16 -2.30 -4.01
N TRP A 249 17.52 -1.17 -3.69
CA TRP A 249 17.64 -0.58 -2.36
C TRP A 249 16.95 -1.47 -1.31
N ILE A 250 15.75 -1.97 -1.61
CA ILE A 250 15.06 -2.85 -0.69
C ILE A 250 15.89 -4.08 -0.34
N GLN A 251 16.47 -4.69 -1.36
CA GLN A 251 17.31 -5.88 -1.19
C GLN A 251 18.55 -5.55 -0.36
N LYS A 252 19.18 -4.41 -0.66
CA LYS A 252 20.38 -3.96 0.04
C LYS A 252 20.12 -3.84 1.53
N VAL A 253 18.99 -3.23 1.90
CA VAL A 253 18.68 -3.02 3.30
C VAL A 253 18.39 -4.35 4.01
N ILE A 254 17.57 -5.18 3.39
CA ILE A 254 17.27 -6.49 3.98
C ILE A 254 18.53 -7.37 4.08
N ASP A 255 19.42 -7.31 3.09
CA ASP A 255 20.63 -8.13 3.10
C ASP A 255 21.61 -7.68 4.17
N GLN A 256 21.69 -6.37 4.41
CA GLN A 256 22.62 -5.84 5.41
C GLN A 256 22.09 -5.99 6.83
N PHE A 257 20.80 -5.72 7.02
CA PHE A 257 20.24 -5.60 8.37
C PHE A 257 19.29 -6.72 8.73
N PHE B 2 -10.72 5.31 18.41
CA PHE B 2 -10.11 3.97 18.47
C PHE B 2 -10.33 3.29 19.82
N GLU B 3 -10.62 2.00 19.79
CA GLU B 3 -10.76 1.24 21.00
C GLU B 3 -9.36 1.07 21.61
N GLU B 4 -9.28 1.04 22.93
CA GLU B 4 -7.99 0.88 23.58
C GLU B 4 -7.36 -0.49 23.28
N ILE B 5 -6.04 -0.50 23.17
N ILE B 5 -6.03 -0.49 23.17
CA ILE B 5 -5.28 -1.72 22.92
CA ILE B 5 -5.24 -1.69 22.95
C ILE B 5 -4.67 -2.19 24.24
C ILE B 5 -4.73 -2.18 24.30
N PRO B 6 -4.67 -3.51 24.50
CA PRO B 6 -4.16 -4.00 25.78
C PRO B 6 -2.63 -4.00 25.80
N ALA C 1 8.34 -18.23 0.33
CA ALA C 1 7.92 -19.28 -0.66
C ALA C 1 6.46 -19.11 -1.06
N ASP C 2 5.61 -18.81 -0.09
CA ASP C 2 4.17 -18.73 -0.33
C ASP C 2 3.69 -17.30 -0.41
N CYS C 3 4.59 -16.35 -0.71
CA CYS C 3 4.15 -14.96 -0.78
C CYS C 3 3.03 -14.85 -1.78
N GLY C 4 2.11 -13.95 -1.49
CA GLY C 4 1.09 -13.54 -2.41
C GLY C 4 -0.02 -14.53 -2.68
N LEU C 5 -0.09 -15.60 -1.89
CA LEU C 5 -1.15 -16.60 -2.01
C LEU C 5 -1.96 -16.52 -0.71
N ARG C 6 -3.18 -16.04 -0.78
CA ARG C 6 -3.96 -15.72 0.42
C ARG C 6 -4.58 -16.99 1.00
N PRO C 7 -4.40 -17.22 2.31
CA PRO C 7 -5.04 -18.38 2.94
C PRO C 7 -6.53 -18.56 2.66
N LEU C 8 -7.29 -17.48 2.63
CA LEU C 8 -8.74 -17.56 2.50
C LEU C 8 -9.20 -17.51 1.04
N PHE C 9 -8.24 -17.35 0.11
CA PHE C 9 -8.56 -17.28 -1.30
C PHE C 9 -7.72 -18.25 -2.10
N GLU C 10 -6.56 -17.85 -2.62
CA GLU C 10 -5.80 -18.77 -3.48
C GLU C 10 -5.49 -20.12 -2.84
N LYS C 11 -5.21 -20.13 -1.55
CA LYS C 11 -4.81 -21.40 -0.89
C LYS C 11 -5.95 -22.41 -0.94
N LYS C 12 -7.21 -21.93 -0.95
CA LYS C 12 -8.39 -22.80 -0.98
C LYS C 12 -9.18 -22.72 -2.30
N SER C 13 -8.54 -22.17 -3.33
CA SER C 13 -9.16 -21.98 -4.64
C SER C 13 -10.53 -21.27 -4.58
N LEU C 14 -10.58 -20.21 -3.79
CA LEU C 14 -11.72 -19.27 -3.78
C LEU C 14 -11.26 -17.97 -4.37
N GLU C 15 -12.16 -17.30 -5.08
CA GLU C 15 -11.85 -16.01 -5.66
C GLU C 15 -12.63 -14.91 -4.94
N ASP C 16 -11.99 -13.75 -4.79
CA ASP C 16 -12.68 -12.60 -4.20
C ASP C 16 -13.64 -11.96 -5.23
N LYS C 17 -14.42 -11.01 -4.77
CA LYS C 17 -15.51 -10.45 -5.53
C LYS C 17 -15.11 -9.66 -6.76
N THR C 18 -13.92 -9.12 -6.77
CA THR C 18 -13.52 -8.24 -7.87
C THR C 18 -12.18 -8.58 -8.51
N GLU C 19 -11.55 -9.70 -8.15
CA GLU C 19 -10.29 -10.01 -8.79
C GLU C 19 -10.46 -10.29 -10.27
N ARG C 20 -11.63 -10.76 -10.69
CA ARG C 20 -11.87 -10.96 -12.12
C ARG C 20 -11.75 -9.67 -12.94
N GLU C 21 -12.13 -8.54 -12.36
CA GLU C 21 -11.95 -7.23 -13.02
C GLU C 21 -10.49 -6.98 -13.37
N LEU C 22 -9.58 -7.38 -12.46
CA LEU C 22 -8.15 -7.22 -12.70
C LEU C 22 -7.76 -8.12 -13.88
N LEU C 23 -8.12 -9.39 -13.80
CA LEU C 23 -7.76 -10.36 -14.82
C LEU C 23 -8.22 -9.90 -16.19
N GLU C 24 -9.45 -9.42 -16.28
CA GLU C 24 -10.02 -8.99 -17.56
C GLU C 24 -9.28 -7.81 -18.16
N SER C 25 -8.62 -7.04 -17.31
CA SER C 25 -7.83 -5.89 -17.78
C SER C 25 -6.46 -6.29 -18.32
N TYR C 26 -6.03 -7.54 -18.07
CA TYR C 26 -4.68 -7.98 -18.45
C TYR C 26 -4.79 -8.58 -19.83
N ILE C 27 -4.83 -7.71 -20.84
CA ILE C 27 -5.26 -8.10 -22.22
C ILE C 27 -4.12 -8.36 -23.22
N ASP C 28 -2.90 -7.95 -22.91
CA ASP C 28 -1.76 -8.19 -23.82
C ASP C 28 -1.19 -9.58 -23.58
#